data_2ODA
#
_entry.id   2ODA
#
_cell.length_a   48.612
_cell.length_b   74.427
_cell.length_c   106.354
_cell.angle_alpha   90.000
_cell.angle_beta   90.000
_cell.angle_gamma   90.000
#
_symmetry.space_group_name_H-M   'P 21 21 21'
#
loop_
_entity.id
_entity.type
_entity.pdbx_description
1 polymer 'Hypothetical protein PSPTO_2114'
2 non-polymer 'MAGNESIUM ION'
3 non-polymer '4-(2-HYDROXYETHYL)-1-PIPERAZINE ETHANESULFONIC ACID'
4 water water
#
_entity_poly.entity_id   1
_entity_poly.type   'polypeptide(L)'
_entity_poly.pdbx_seq_one_letter_code
;(MSE)PLPTFPALLFGLSGCLVDFGAQAATSDTPDDEHAQLTPGAQNALKALRDQG(MSE)PCAWIDELPEALSTPLAAP
VNDW(MSE)IAAPRPTAGWPQPDACW(MSE)AL(MSE)ALNVSQLEGCVLISGDPRLLQSGLNAGLWTIGLASCGPLCGL
SPSQWQALNNAEREQRRAQATLKLYSLGVHSVIDHLGELESCLADIALRRSKGEKP
;
_entity_poly.pdbx_strand_id   A,B
#
# COMPACT_ATOMS: atom_id res chain seq x y z
N THR A 5 -13.04 -9.44 5.53
CA THR A 5 -11.94 -10.12 6.28
C THR A 5 -10.77 -9.18 6.58
N PHE A 6 -9.94 -9.57 7.55
CA PHE A 6 -8.72 -8.85 7.87
C PHE A 6 -7.54 -9.75 7.48
N PRO A 7 -6.84 -9.42 6.37
CA PRO A 7 -5.64 -10.21 5.99
C PRO A 7 -4.49 -10.15 7.00
N ALA A 8 -4.39 -9.07 7.78
CA ALA A 8 -3.30 -8.94 8.75
C ALA A 8 -3.58 -7.83 9.71
N LEU A 9 -2.98 -7.92 10.90
CA LEU A 9 -2.98 -6.85 11.87
C LEU A 9 -1.54 -6.51 12.17
N LEU A 10 -1.22 -5.23 12.14
CA LEU A 10 0.10 -4.73 12.48
C LEU A 10 -0.01 -4.02 13.80
N PHE A 11 0.99 -4.19 14.67
CA PHE A 11 0.95 -3.63 16.02
C PHE A 11 2.21 -2.85 16.30
N GLY A 12 2.08 -1.67 16.91
CA GLY A 12 3.24 -1.07 17.55
C GLY A 12 3.73 -2.00 18.67
N LEU A 13 5.01 -1.92 19.00
CA LEU A 13 5.50 -2.74 20.10
C LEU A 13 5.37 -1.94 21.40
N SER A 14 6.24 -0.94 21.56
CA SER A 14 6.25 -0.15 22.77
C SER A 14 5.04 0.78 22.79
N GLY A 15 4.51 1.04 23.99
CA GLY A 15 3.33 1.89 24.15
C GLY A 15 2.11 1.34 23.43
N CYS A 16 2.04 0.01 23.31
CA CYS A 16 0.96 -0.65 22.56
C CYS A 16 0.80 -2.09 23.04
N LEU A 17 1.67 -3.00 22.58
CA LEU A 17 1.63 -4.38 23.08
C LEU A 17 2.23 -4.49 24.46
N VAL A 18 3.25 -3.68 24.69
CA VAL A 18 4.01 -3.72 25.94
C VAL A 18 4.43 -2.30 26.23
N ASP A 19 5.16 -2.10 27.33
CA ASP A 19 5.69 -0.79 27.68
C ASP A 19 4.61 0.30 27.74
N PHE A 20 3.62 0.09 28.63
CA PHE A 20 2.61 1.10 28.94
C PHE A 20 3.27 2.49 29.25
N GLY A 21 2.77 3.57 28.64
CA GLY A 21 3.41 4.88 28.72
C GLY A 21 4.66 5.12 27.85
N ALA A 22 5.06 4.13 27.06
CA ALA A 22 6.20 4.30 26.14
C ALA A 22 7.43 4.83 26.90
N GLN A 23 7.84 4.09 27.92
CA GLN A 23 8.94 4.51 28.78
C GLN A 23 10.31 3.99 28.33
N ALA A 24 10.34 3.01 27.44
CA ALA A 24 11.61 2.40 27.00
C ALA A 24 12.53 3.33 26.21
N ALA A 25 11.95 4.26 25.46
CA ALA A 25 12.73 5.31 24.78
C ALA A 25 13.25 6.37 25.76
N THR A 26 12.38 6.75 26.70
CA THR A 26 12.70 7.61 27.84
C THR A 26 14.06 7.30 28.50
N SER A 27 14.59 6.10 28.26
CA SER A 27 15.93 5.73 28.70
C SER A 27 16.72 5.06 27.58
N ASP A 28 18.04 5.09 27.72
CA ASP A 28 18.94 4.40 26.80
C ASP A 28 19.30 3.05 27.39
N THR A 29 18.97 2.89 28.67
CA THR A 29 19.10 1.64 29.41
C THR A 29 17.84 0.81 29.18
N PRO A 30 17.97 -0.54 29.09
CA PRO A 30 16.80 -1.42 29.22
C PRO A 30 16.27 -1.45 30.67
N ASP A 31 14.96 -1.64 30.82
CA ASP A 31 14.30 -1.76 32.13
C ASP A 31 13.27 -2.89 32.09
N ASP A 32 13.43 -3.84 33.01
CA ASP A 32 12.63 -5.08 33.08
C ASP A 32 11.13 -4.83 33.14
N GLU A 33 10.73 -3.78 33.85
CA GLU A 33 9.32 -3.43 34.03
C GLU A 33 8.62 -3.17 32.71
N HIS A 34 9.36 -2.64 31.74
CA HIS A 34 8.80 -2.21 30.46
C HIS A 34 8.32 -3.35 29.55
N ALA A 35 8.88 -4.56 29.73
CA ALA A 35 8.48 -5.74 28.94
C ALA A 35 7.10 -6.32 29.32
N GLN A 36 6.47 -5.71 30.31
CA GLN A 36 5.13 -6.12 30.72
C GLN A 36 4.11 -5.79 29.61
N LEU A 37 3.25 -6.76 29.32
CA LEU A 37 2.14 -6.57 28.37
C LEU A 37 1.16 -5.56 28.93
N THR A 38 0.58 -4.76 28.05
CA THR A 38 -0.38 -3.74 28.44
C THR A 38 -1.74 -4.38 28.77
N PRO A 39 -2.60 -3.68 29.53
CA PRO A 39 -3.95 -4.23 29.84
C PRO A 39 -4.72 -4.79 28.64
N GLY A 40 -5.16 -6.02 28.75
CA GLY A 40 -5.93 -6.65 27.68
C GLY A 40 -5.11 -7.22 26.54
N ALA A 41 -3.80 -6.96 26.51
CA ALA A 41 -2.93 -7.42 25.41
C ALA A 41 -2.79 -8.95 25.38
N GLN A 42 -2.64 -9.57 26.55
CA GLN A 42 -2.41 -11.02 26.61
C GLN A 42 -3.60 -11.75 26.00
N ASN A 43 -4.79 -11.43 26.46
CA ASN A 43 -5.98 -12.11 25.95
C ASN A 43 -6.32 -11.75 24.50
N ALA A 44 -6.03 -10.52 24.08
CA ALA A 44 -6.20 -10.18 22.66
C ALA A 44 -5.31 -11.04 21.76
N LEU A 45 -4.05 -11.25 22.18
CA LEU A 45 -3.09 -12.10 21.49
C LEU A 45 -3.45 -13.60 21.50
N LYS A 46 -3.95 -14.09 22.63
CA LYS A 46 -4.49 -15.46 22.68
C LYS A 46 -5.52 -15.66 21.55
N ALA A 47 -6.42 -14.71 21.40
CA ALA A 47 -7.51 -14.78 20.41
C ALA A 47 -6.95 -14.75 19.00
N LEU A 48 -6.00 -13.86 18.76
CA LEU A 48 -5.40 -13.76 17.45
C LEU A 48 -4.60 -15.00 17.06
N ARG A 49 -3.87 -15.58 18.00
CA ARG A 49 -3.19 -16.85 17.71
C ARG A 49 -4.19 -17.98 17.42
N ASP A 50 -5.25 -18.07 18.21
CA ASP A 50 -6.30 -19.08 17.97
C ASP A 50 -6.99 -18.90 16.62
N GLN A 51 -7.13 -17.65 16.20
CA GLN A 51 -7.76 -17.34 14.91
C GLN A 51 -6.83 -17.61 13.73
N GLY A 52 -5.54 -17.80 13.98
CA GLY A 52 -4.54 -17.83 12.91
C GLY A 52 -4.36 -16.49 12.21
N PRO A 54 -2.64 -13.39 10.78
CA PRO A 54 -1.27 -12.95 10.56
C PRO A 54 -1.02 -11.61 11.20
N CYS A 55 0.09 -11.51 11.95
CA CYS A 55 0.40 -10.27 12.66
C CYS A 55 1.89 -10.06 12.71
N ALA A 56 2.28 -8.79 12.80
CA ALA A 56 3.68 -8.42 12.92
C ALA A 56 3.78 -7.17 13.81
N TRP A 57 4.90 -7.01 14.51
CA TRP A 57 5.10 -5.78 15.29
C TRP A 57 6.07 -4.82 14.61
N ILE A 58 5.91 -3.54 14.91
CA ILE A 58 6.63 -2.49 14.20
C ILE A 58 7.09 -1.51 15.26
N ASP A 59 8.36 -1.13 15.23
CA ASP A 59 8.84 -0.11 16.15
C ASP A 59 10.10 0.55 15.59
N GLU A 60 10.52 1.66 16.19
CA GLU A 60 11.77 2.32 15.75
C GLU A 60 12.88 2.37 16.81
N LEU A 61 12.64 1.75 17.96
CA LEU A 61 13.68 1.60 19.01
C LEU A 61 14.87 0.78 18.50
N PRO A 62 16.08 1.01 19.06
CA PRO A 62 17.22 0.15 18.73
C PRO A 62 16.95 -1.30 19.17
N GLU A 63 17.42 -2.28 18.39
CA GLU A 63 17.21 -3.70 18.69
C GLU A 63 17.55 -4.10 20.12
N ALA A 64 18.49 -3.40 20.74
CA ALA A 64 18.92 -3.71 22.10
C ALA A 64 17.80 -3.43 23.07
N LEU A 65 17.04 -2.37 22.80
CA LEU A 65 15.89 -1.98 23.60
C LEU A 65 14.62 -2.74 23.23
N SER A 66 14.44 -3.05 21.94
CA SER A 66 13.23 -3.71 21.48
C SER A 66 13.22 -5.23 21.66
N THR A 67 14.40 -5.85 21.64
CA THR A 67 14.50 -7.29 21.85
C THR A 67 13.93 -7.78 23.19
N PRO A 68 14.37 -7.18 24.31
CA PRO A 68 13.77 -7.59 25.58
C PRO A 68 12.26 -7.31 25.64
N LEU A 69 11.84 -6.21 25.01
CA LEU A 69 10.43 -5.81 24.97
C LEU A 69 9.55 -6.78 24.17
N ALA A 70 10.10 -7.39 23.13
CA ALA A 70 9.34 -8.27 22.26
C ALA A 70 9.22 -9.71 22.79
N ALA A 71 9.97 -10.01 23.84
CA ALA A 71 10.01 -11.38 24.40
C ALA A 71 8.62 -11.93 24.73
N PRO A 72 7.78 -11.14 25.43
CA PRO A 72 6.39 -11.53 25.67
C PRO A 72 5.57 -11.90 24.42
N VAL A 73 5.92 -11.39 23.23
CA VAL A 73 5.09 -11.68 22.05
C VAL A 73 5.77 -12.54 20.98
N ASN A 74 7.07 -12.77 21.14
CA ASN A 74 7.84 -13.54 20.17
C ASN A 74 7.31 -14.94 19.87
N ASP A 75 6.49 -15.47 20.76
CA ASP A 75 5.80 -16.74 20.56
C ASP A 75 4.48 -16.53 19.81
N TRP A 76 4.13 -15.29 19.50
CA TRP A 76 2.85 -15.00 18.84
C TRP A 76 2.99 -14.27 17.50
N ILE A 78 5.85 -12.13 14.52
CA ILE A 78 7.16 -11.69 13.99
C ILE A 78 7.40 -10.17 14.10
N ALA A 79 8.68 -9.78 14.11
CA ALA A 79 9.07 -8.39 13.95
C ALA A 79 9.04 -8.11 12.45
N ALA A 80 8.33 -7.07 12.03
CA ALA A 80 8.38 -6.66 10.62
C ALA A 80 9.81 -6.22 10.28
N PRO A 81 10.25 -6.45 9.04
CA PRO A 81 11.56 -5.93 8.62
C PRO A 81 11.58 -4.41 8.58
N ARG A 82 12.61 -3.83 9.20
CA ARG A 82 12.76 -2.38 9.21
C ARG A 82 13.06 -1.79 7.82
N PRO A 83 12.32 -0.71 7.45
CA PRO A 83 12.55 0.00 6.18
C PRO A 83 13.79 0.87 6.26
N THR A 84 14.36 1.26 5.11
CA THR A 84 15.42 2.27 5.14
C THR A 84 14.80 3.64 5.34
N ALA A 85 13.61 3.84 4.78
CA ALA A 85 12.84 5.06 5.03
C ALA A 85 11.84 4.89 6.18
N GLY A 86 12.12 5.54 7.32
CA GLY A 86 11.29 5.43 8.52
C GLY A 86 10.00 6.23 8.54
N TRP A 87 9.31 6.18 9.69
CA TRP A 87 8.04 6.89 9.86
C TRP A 87 8.27 8.38 9.66
N PRO A 88 7.28 9.10 9.08
CA PRO A 88 5.94 8.69 8.69
C PRO A 88 5.79 8.10 7.27
N GLN A 89 6.89 7.76 6.61
CA GLN A 89 6.83 7.12 5.30
C GLN A 89 6.01 5.83 5.38
N PRO A 90 5.29 5.47 4.29
CA PRO A 90 4.41 4.31 4.37
C PRO A 90 5.19 2.99 4.41
N ASP A 91 6.48 3.06 4.08
CA ASP A 91 7.33 1.89 3.85
C ASP A 91 7.25 0.83 4.93
N ALA A 92 7.35 1.24 6.19
CA ALA A 92 7.32 0.29 7.32
C ALA A 92 6.08 -0.61 7.23
N CYS A 93 4.93 -0.01 6.95
CA CYS A 93 3.67 -0.77 6.88
C CYS A 93 3.60 -1.69 5.64
N TRP A 94 3.98 -1.16 4.49
CA TRP A 94 4.04 -2.02 3.29
C TRP A 94 5.01 -3.19 3.48
N ALA A 96 5.92 -4.63 6.29
CA ALA A 96 5.29 -5.56 7.23
C ALA A 96 4.27 -6.48 6.54
N LEU A 97 3.37 -5.88 5.78
CA LEU A 97 2.35 -6.64 5.03
C LEU A 97 3.00 -7.59 4.04
N ALA A 99 6.07 -8.96 4.39
CA ALA A 99 6.64 -10.05 5.18
C ALA A 99 5.59 -11.09 5.62
N LEU A 100 4.33 -10.65 5.69
CA LEU A 100 3.23 -11.51 6.08
C LEU A 100 2.56 -12.16 4.88
N ASN A 101 3.05 -11.84 3.68
CA ASN A 101 2.54 -12.37 2.41
C ASN A 101 1.05 -12.09 2.20
N VAL A 102 0.56 -10.94 2.66
CA VAL A 102 -0.87 -10.65 2.51
C VAL A 102 -1.22 -10.58 1.02
N SER A 103 -2.42 -11.03 0.67
CA SER A 103 -2.82 -11.03 -0.74
C SER A 103 -3.29 -9.66 -1.23
N GLN A 104 -3.71 -8.80 -0.30
CA GLN A 104 -4.24 -7.49 -0.65
C GLN A 104 -4.24 -6.56 0.54
N LEU A 105 -4.20 -5.27 0.25
CA LEU A 105 -4.19 -4.24 1.28
C LEU A 105 -5.54 -4.18 1.99
N GLU A 106 -6.61 -4.41 1.22
CA GLU A 106 -7.96 -4.16 1.70
C GLU A 106 -8.23 -4.95 2.96
N GLY A 107 -8.62 -4.25 4.02
CA GLY A 107 -8.90 -4.93 5.28
C GLY A 107 -7.76 -4.98 6.28
N CYS A 108 -6.53 -4.68 5.86
CA CYS A 108 -5.39 -4.67 6.82
C CYS A 108 -5.48 -3.47 7.78
N VAL A 109 -5.07 -3.69 9.04
CA VAL A 109 -5.24 -2.70 10.10
C VAL A 109 -3.93 -2.53 10.86
N LEU A 110 -3.62 -1.29 11.21
CA LEU A 110 -2.49 -0.99 12.09
C LEU A 110 -3.04 -0.50 13.42
N ILE A 111 -2.52 -1.03 14.52
CA ILE A 111 -2.88 -0.62 15.89
C ILE A 111 -1.65 -0.05 16.60
N SER A 112 -1.78 1.17 17.13
CA SER A 112 -0.67 1.92 17.76
C SER A 112 -1.22 3.07 18.59
N GLY A 113 -0.42 3.57 19.53
CA GLY A 113 -0.74 4.82 20.19
C GLY A 113 0.25 5.92 19.83
N ASP A 114 1.16 5.63 18.89
CA ASP A 114 2.21 6.58 18.49
C ASP A 114 1.86 7.29 17.20
N PRO A 115 1.64 8.62 17.25
CA PRO A 115 1.24 9.38 16.06
C PRO A 115 2.14 9.19 14.84
N ARG A 116 3.44 9.00 15.05
CA ARG A 116 4.36 8.83 13.91
C ARG A 116 4.18 7.48 13.22
N LEU A 117 3.96 6.43 13.99
CA LEU A 117 3.60 5.12 13.43
C LEU A 117 2.21 5.14 12.81
N LEU A 118 1.23 5.71 13.53
CA LEU A 118 -0.10 5.84 12.96
C LEU A 118 -0.09 6.57 11.61
N GLN A 119 0.74 7.60 11.49
CA GLN A 119 0.80 8.36 10.24
C GLN A 119 1.33 7.48 9.10
N SER A 120 2.29 6.61 9.41
CA SER A 120 2.85 5.65 8.45
C SER A 120 1.73 4.74 7.91
N GLY A 121 0.97 4.16 8.83
CA GLY A 121 -0.24 3.42 8.48
C GLY A 121 -1.26 4.18 7.66
N LEU A 122 -1.55 5.43 8.05
CA LEU A 122 -2.50 6.26 7.27
C LEU A 122 -1.94 6.46 5.84
N ASN A 123 -0.69 6.89 5.78
CA ASN A 123 0.00 7.08 4.49
C ASN A 123 0.02 5.82 3.62
N ALA A 124 0.24 4.68 4.26
CA ALA A 124 0.25 3.39 3.59
C ALA A 124 -1.13 2.90 3.10
N GLY A 125 -2.21 3.53 3.55
CA GLY A 125 -3.56 3.17 3.10
C GLY A 125 -4.29 2.13 3.95
N LEU A 126 -3.74 1.85 5.14
CA LEU A 126 -4.40 0.93 6.09
C LEU A 126 -5.51 1.59 6.92
N TRP A 127 -6.39 0.75 7.47
CA TRP A 127 -7.23 1.13 8.60
C TRP A 127 -6.30 1.33 9.79
N THR A 128 -6.66 2.27 10.67
CA THR A 128 -5.84 2.58 11.85
C THR A 128 -6.68 2.61 13.11
N ILE A 129 -6.14 1.99 14.15
CA ILE A 129 -6.75 2.00 15.49
C ILE A 129 -5.76 2.67 16.47
N GLY A 130 -6.19 3.78 17.07
CA GLY A 130 -5.38 4.49 18.05
C GLY A 130 -5.70 3.99 19.46
N LEU A 131 -4.68 3.97 20.34
CA LEU A 131 -4.83 3.56 21.74
C LEU A 131 -4.71 4.79 22.66
N ALA A 132 -5.73 5.01 23.49
CA ALA A 132 -5.92 6.24 24.27
C ALA A 132 -5.13 6.31 25.59
N SER A 133 -4.78 5.17 26.16
CA SER A 133 -4.21 5.12 27.52
C SER A 133 -2.70 4.89 27.63
N CYS A 134 -2.15 4.08 26.72
CA CYS A 134 -0.82 3.48 26.92
C CYS A 134 0.30 4.04 26.04
N GLY A 135 -0.02 5.00 25.18
CA GLY A 135 0.97 5.52 24.26
C GLY A 135 1.69 6.75 24.78
N PRO A 136 2.58 7.33 23.96
CA PRO A 136 3.37 8.49 24.35
C PRO A 136 2.57 9.77 24.58
N LEU A 137 1.34 9.84 24.05
CA LEU A 137 0.49 11.00 24.31
C LEU A 137 0.08 11.09 25.78
N CYS A 138 0.08 9.94 26.45
CA CYS A 138 -0.18 9.93 27.88
C CYS A 138 1.15 9.92 28.65
N GLY A 139 2.03 8.99 28.28
CA GLY A 139 3.40 8.97 28.81
C GLY A 139 3.56 8.67 30.29
N LEU A 140 2.60 7.95 30.86
CA LEU A 140 2.64 7.58 32.26
C LEU A 140 2.84 6.10 32.40
N SER A 141 3.69 5.72 33.34
CA SER A 141 3.88 4.30 33.67
C SER A 141 2.60 3.75 34.29
N PRO A 142 2.47 2.40 34.35
CA PRO A 142 1.32 1.78 35.00
C PRO A 142 1.08 2.31 36.42
N SER A 143 2.12 2.44 37.22
CA SER A 143 1.94 2.90 38.60
C SER A 143 1.51 4.37 38.63
N GLN A 144 2.10 5.19 37.75
CA GLN A 144 1.72 6.59 37.59
C GLN A 144 0.28 6.78 37.13
N TRP A 145 -0.16 5.98 36.15
CA TRP A 145 -1.54 6.05 35.64
C TRP A 145 -2.51 5.66 36.78
N GLN A 146 -2.13 4.63 37.52
CA GLN A 146 -2.95 4.14 38.64
C GLN A 146 -3.08 5.16 39.78
N ALA A 147 -2.08 6.03 39.91
CA ALA A 147 -2.06 7.01 41.00
C ALA A 147 -2.95 8.23 40.73
N LEU A 148 -3.39 8.41 39.49
CA LEU A 148 -4.31 9.51 39.15
C LEU A 148 -5.66 9.19 39.76
N ASN A 149 -6.53 10.20 39.84
CA ASN A 149 -7.93 9.97 40.20
C ASN A 149 -8.74 9.65 38.94
N ASN A 150 -10.01 9.28 39.11
CA ASN A 150 -10.83 8.89 37.93
C ASN A 150 -10.92 10.01 36.91
N ALA A 151 -11.20 11.22 37.39
CA ALA A 151 -11.37 12.39 36.53
C ALA A 151 -10.11 12.67 35.69
N GLU A 152 -8.93 12.48 36.31
CA GLU A 152 -7.67 12.66 35.61
C GLU A 152 -7.44 11.63 34.50
N ARG A 153 -7.72 10.36 34.77
CA ARG A 153 -7.54 9.33 33.73
C ARG A 153 -8.48 9.64 32.57
N GLU A 154 -9.73 10.00 32.89
CA GLU A 154 -10.68 10.40 31.84
C GLU A 154 -10.17 11.58 31.00
N GLN A 155 -9.74 12.64 31.68
CA GLN A 155 -9.17 13.77 30.97
C GLN A 155 -8.01 13.35 30.06
N ARG A 156 -7.05 12.57 30.58
CA ARG A 156 -5.90 12.12 29.77
C ARG A 156 -6.32 11.30 28.53
N ARG A 157 -7.19 10.31 28.73
CA ARG A 157 -7.76 9.54 27.60
C ARG A 157 -8.44 10.41 26.56
N ALA A 158 -9.30 11.32 26.99
CA ALA A 158 -10.07 12.13 26.07
C ALA A 158 -9.14 13.02 25.27
N GLN A 159 -8.11 13.55 25.93
CA GLN A 159 -7.16 14.44 25.26
C GLN A 159 -6.35 13.71 24.18
N ALA A 160 -5.85 12.51 24.53
CA ALA A 160 -5.17 11.66 23.56
C ALA A 160 -6.09 11.23 22.43
N THR A 161 -7.36 10.93 22.75
CA THR A 161 -8.34 10.47 21.78
C THR A 161 -8.56 11.51 20.70
N LEU A 162 -8.71 12.77 21.13
CA LEU A 162 -8.92 13.82 20.13
C LEU A 162 -7.70 14.10 19.27
N LYS A 163 -6.51 14.03 19.87
CA LYS A 163 -5.24 14.19 19.14
C LYS A 163 -5.10 13.13 18.05
N LEU A 164 -5.48 11.91 18.40
CA LEU A 164 -5.43 10.77 17.49
C LEU A 164 -6.43 10.88 16.35
N TYR A 165 -7.67 11.24 16.68
CA TYR A 165 -8.69 11.49 15.65
C TYR A 165 -8.29 12.65 14.73
N SER A 166 -7.69 13.71 15.28
CA SER A 166 -7.21 14.83 14.47
C SER A 166 -6.16 14.43 13.43
N LEU A 167 -5.43 13.34 13.66
CA LEU A 167 -4.50 12.81 12.67
C LEU A 167 -5.18 12.15 11.50
N GLY A 168 -6.43 11.75 11.69
CA GLY A 168 -7.20 11.02 10.68
C GLY A 168 -7.39 9.54 11.02
N VAL A 169 -7.01 9.16 12.24
CA VAL A 169 -7.12 7.75 12.68
C VAL A 169 -8.60 7.31 12.66
N HIS A 170 -8.85 6.05 12.29
CA HIS A 170 -10.22 5.60 12.00
C HIS A 170 -11.06 5.27 13.22
N SER A 171 -10.42 4.75 14.25
CA SER A 171 -11.06 4.39 15.51
C SER A 171 -10.09 4.53 16.66
N VAL A 172 -10.55 5.03 17.81
CA VAL A 172 -9.74 5.08 19.02
C VAL A 172 -10.43 4.28 20.13
N ILE A 173 -9.65 3.46 20.82
CA ILE A 173 -10.12 2.68 21.97
C ILE A 173 -9.17 2.89 23.14
N ASP A 174 -9.60 2.52 24.34
CA ASP A 174 -8.82 2.78 25.55
C ASP A 174 -7.61 1.85 25.69
N HIS A 175 -7.76 0.60 25.26
CA HIS A 175 -6.78 -0.45 25.52
C HIS A 175 -7.11 -1.65 24.65
N LEU A 176 -6.22 -2.63 24.63
CA LEU A 176 -6.34 -3.75 23.70
C LEU A 176 -7.44 -4.73 24.08
N GLY A 177 -7.99 -4.56 25.28
CA GLY A 177 -9.18 -5.32 25.67
C GLY A 177 -10.37 -4.97 24.80
N GLU A 178 -10.30 -3.81 24.17
CA GLU A 178 -11.37 -3.37 23.29
C GLU A 178 -11.12 -3.68 21.83
N LEU A 179 -10.00 -4.34 21.52
CA LEU A 179 -9.62 -4.57 20.12
C LEU A 179 -10.67 -5.34 19.33
N GLU A 180 -11.15 -6.44 19.91
CA GLU A 180 -12.12 -7.34 19.25
C GLU A 180 -13.38 -6.58 18.82
N SER A 181 -13.94 -5.80 19.73
CA SER A 181 -15.15 -5.05 19.38
C SER A 181 -14.85 -3.97 18.37
N CYS A 182 -13.66 -3.39 18.49
CA CYS A 182 -13.22 -2.31 17.60
C CYS A 182 -13.14 -2.86 16.17
N LEU A 183 -12.48 -4.00 16.03
CA LEU A 183 -12.38 -4.68 14.71
C LEU A 183 -13.73 -5.08 14.15
N ALA A 184 -14.62 -5.58 15.00
CA ALA A 184 -15.96 -5.89 14.55
C ALA A 184 -16.69 -4.66 14.01
N ASP A 185 -16.43 -3.49 14.59
CA ASP A 185 -17.15 -2.32 14.12
C ASP A 185 -16.55 -1.78 12.80
N ILE A 186 -15.24 -1.92 12.64
CA ILE A 186 -14.61 -1.64 11.35
C ILE A 186 -15.18 -2.56 10.25
N ALA A 187 -15.41 -3.82 10.58
CA ALA A 187 -16.02 -4.76 9.65
C ALA A 187 -17.40 -4.27 9.21
N LEU A 188 -18.20 -3.80 10.16
CA LEU A 188 -19.53 -3.28 9.84
C LEU A 188 -19.44 -2.06 8.96
N ARG A 189 -18.53 -1.14 9.29
CA ARG A 189 -18.30 0.05 8.45
C ARG A 189 -17.90 -0.35 7.04
N ARG A 190 -17.01 -1.35 6.95
CA ARG A 190 -16.57 -1.81 5.63
C ARG A 190 -17.74 -2.39 4.81
N SER A 191 -18.64 -3.13 5.47
CA SER A 191 -19.84 -3.68 4.81
C SER A 191 -20.76 -2.57 4.28
N LYS A 192 -20.71 -1.40 4.92
CA LYS A 192 -21.47 -0.23 4.43
C LYS A 192 -20.74 0.51 3.32
N GLY A 193 -19.55 0.04 2.95
CA GLY A 193 -18.82 0.64 1.86
C GLY A 193 -17.66 1.55 2.25
N GLU A 194 -17.41 1.73 3.55
CA GLU A 194 -16.30 2.58 3.98
C GLU A 194 -14.95 1.95 3.63
N LYS A 195 -14.03 2.82 3.21
CA LYS A 195 -12.66 2.43 2.92
C LYS A 195 -11.78 3.39 3.75
N PRO A 196 -10.52 3.00 4.02
CA PRO A 196 -9.63 3.86 4.82
C PRO A 196 -9.48 5.26 4.25
N PRO B 2 -8.62 23.50 -7.17
CA PRO B 2 -8.64 22.65 -8.37
C PRO B 2 -8.78 21.17 -8.01
N LEU B 3 -8.80 20.31 -9.03
CA LEU B 3 -8.91 18.86 -8.84
C LEU B 3 -7.74 18.27 -8.02
N PRO B 4 -7.97 17.13 -7.35
CA PRO B 4 -6.89 16.38 -6.69
C PRO B 4 -5.77 16.05 -7.69
N THR B 5 -4.55 15.99 -7.20
CA THR B 5 -3.40 15.73 -8.05
C THR B 5 -2.91 14.31 -7.81
N PHE B 6 -2.07 13.82 -8.73
CA PHE B 6 -1.51 12.47 -8.64
C PHE B 6 -0.06 12.52 -8.17
N PRO B 7 0.26 11.82 -7.06
CA PRO B 7 1.63 11.85 -6.58
C PRO B 7 2.64 11.00 -7.37
N ALA B 8 2.18 9.93 -8.02
CA ALA B 8 3.09 9.04 -8.74
C ALA B 8 2.27 8.22 -9.73
N LEU B 9 2.92 7.84 -10.83
CA LEU B 9 2.33 6.93 -11.80
C LEU B 9 3.25 5.75 -12.02
N LEU B 10 2.65 4.56 -12.01
CA LEU B 10 3.36 3.31 -12.31
C LEU B 10 2.90 2.79 -13.65
N PHE B 11 3.83 2.30 -14.47
CA PHE B 11 3.48 1.76 -15.80
C PHE B 11 4.05 0.37 -15.96
N GLY B 12 3.26 -0.55 -16.52
CA GLY B 12 3.88 -1.76 -17.10
C GLY B 12 4.86 -1.32 -18.18
N LEU B 13 5.89 -2.12 -18.43
CA LEU B 13 6.80 -1.83 -19.52
C LEU B 13 6.35 -2.46 -20.85
N SER B 14 6.55 -3.77 -20.97
CA SER B 14 6.08 -4.54 -22.13
C SER B 14 4.55 -4.52 -22.27
N GLY B 15 4.05 -4.30 -23.49
CA GLY B 15 2.60 -4.29 -23.75
C GLY B 15 1.92 -3.08 -23.12
N CYS B 16 2.70 -2.02 -22.92
CA CYS B 16 2.14 -0.85 -22.28
C CYS B 16 2.90 0.41 -22.74
N LEU B 17 4.10 0.66 -22.20
CA LEU B 17 4.95 1.75 -22.69
C LEU B 17 5.55 1.40 -24.06
N VAL B 18 6.00 0.16 -24.20
CA VAL B 18 6.71 -0.27 -25.40
C VAL B 18 6.15 -1.64 -25.74
N ASP B 19 6.66 -2.26 -26.81
CA ASP B 19 6.36 -3.67 -27.10
C ASP B 19 4.87 -3.97 -27.29
N PHE B 20 4.25 -3.24 -28.21
CA PHE B 20 2.82 -3.43 -28.51
C PHE B 20 2.56 -4.92 -28.77
N GLY B 21 1.55 -5.48 -28.07
CA GLY B 21 1.24 -6.89 -28.19
C GLY B 21 2.10 -7.85 -27.38
N ALA B 22 2.89 -7.31 -26.45
CA ALA B 22 3.73 -8.09 -25.50
C ALA B 22 4.56 -9.16 -26.21
N GLN B 23 5.24 -8.75 -27.28
CA GLN B 23 5.98 -9.70 -28.12
C GLN B 23 7.28 -10.17 -27.51
N ALA B 24 7.81 -9.43 -26.53
CA ALA B 24 9.03 -9.88 -25.82
C ALA B 24 8.84 -11.26 -25.17
N ALA B 25 7.60 -11.59 -24.83
CA ALA B 25 7.27 -12.92 -24.30
C ALA B 25 7.45 -14.05 -25.31
N THR B 26 7.73 -13.74 -26.58
CA THR B 26 7.75 -14.77 -27.63
C THR B 26 9.18 -15.21 -27.95
N SER B 27 10.17 -14.60 -27.32
CA SER B 27 11.56 -14.93 -27.61
C SER B 27 12.44 -14.68 -26.39
N ASP B 28 13.43 -15.55 -26.17
CA ASP B 28 14.36 -15.35 -25.06
C ASP B 28 15.42 -14.29 -25.35
N THR B 29 15.56 -13.89 -26.59
CA THR B 29 16.58 -12.91 -26.91
C THR B 29 15.94 -11.57 -27.25
N PRO B 30 16.59 -10.47 -26.84
CA PRO B 30 15.98 -9.15 -27.05
C PRO B 30 15.87 -8.75 -28.52
N ASP B 31 14.73 -8.16 -28.88
CA ASP B 31 14.42 -7.76 -30.24
C ASP B 31 14.23 -6.25 -30.30
N ASP B 32 15.08 -5.57 -31.07
CA ASP B 32 15.02 -4.10 -31.16
C ASP B 32 13.64 -3.58 -31.61
N GLU B 33 12.90 -4.38 -32.36
CA GLU B 33 11.57 -3.95 -32.82
C GLU B 33 10.60 -3.77 -31.64
N HIS B 34 10.78 -4.56 -30.59
CA HIS B 34 9.89 -4.55 -29.44
C HIS B 34 10.05 -3.25 -28.60
N ALA B 35 11.18 -2.58 -28.74
CA ALA B 35 11.40 -1.36 -27.98
C ALA B 35 10.63 -0.14 -28.53
N GLN B 36 9.93 -0.30 -29.66
CA GLN B 36 9.13 0.79 -30.22
C GLN B 36 8.10 1.17 -29.14
N LEU B 37 7.99 2.47 -28.84
CA LEU B 37 6.90 2.95 -27.98
C LEU B 37 5.50 2.69 -28.55
N THR B 38 4.54 2.43 -27.68
CA THR B 38 3.14 2.22 -28.08
C THR B 38 2.46 3.52 -28.58
N PRO B 39 1.39 3.39 -29.38
CA PRO B 39 0.78 4.59 -29.96
C PRO B 39 0.37 5.63 -28.89
N GLY B 40 0.77 6.87 -29.09
CA GLY B 40 0.43 7.95 -28.16
C GLY B 40 1.39 8.11 -27.00
N ALA B 41 2.35 7.17 -26.84
CA ALA B 41 3.27 7.19 -25.68
C ALA B 41 4.14 8.47 -25.66
N GLN B 42 4.69 8.86 -26.81
CA GLN B 42 5.55 10.05 -26.86
C GLN B 42 4.82 11.29 -26.36
N ASN B 43 3.57 11.44 -26.79
CA ASN B 43 2.69 12.54 -26.41
C ASN B 43 2.44 12.50 -24.88
N ALA B 44 1.94 11.36 -24.38
CA ALA B 44 1.67 11.24 -22.93
C ALA B 44 2.93 11.48 -22.10
N LEU B 45 4.05 10.89 -22.52
CA LEU B 45 5.27 10.94 -21.72
C LEU B 45 5.95 12.32 -21.73
N LYS B 46 5.80 13.07 -22.82
CA LYS B 46 6.29 14.46 -22.81
C LYS B 46 5.60 15.28 -21.74
N ALA B 47 4.26 15.22 -21.69
CA ALA B 47 3.47 15.96 -20.71
C ALA B 47 3.90 15.57 -19.30
N LEU B 48 4.05 14.28 -19.06
CA LEU B 48 4.42 13.80 -17.72
C LEU B 48 5.83 14.19 -17.32
N ARG B 49 6.78 14.00 -18.24
CA ARG B 49 8.15 14.36 -17.95
C ARG B 49 8.29 15.88 -17.75
N ASP B 50 7.64 16.66 -18.61
CA ASP B 50 7.68 18.12 -18.44
C ASP B 50 7.10 18.55 -17.10
N GLN B 51 6.03 17.88 -16.65
CA GLN B 51 5.40 18.15 -15.34
C GLN B 51 6.26 17.74 -14.15
N GLY B 52 7.28 16.92 -14.36
CA GLY B 52 8.02 16.32 -13.25
C GLY B 52 7.21 15.26 -12.51
N PRO B 54 6.51 11.99 -10.93
CA PRO B 54 7.30 10.78 -10.65
C PRO B 54 6.66 9.56 -11.30
N CYS B 55 7.44 8.87 -12.12
CA CYS B 55 6.99 7.68 -12.85
C CYS B 55 8.02 6.59 -12.70
N ALA B 56 7.55 5.35 -12.56
CA ALA B 56 8.43 4.19 -12.60
C ALA B 56 7.77 3.14 -13.48
N TRP B 57 8.59 2.28 -14.09
CA TRP B 57 8.04 1.13 -14.83
C TRP B 57 8.22 -0.17 -14.06
N ILE B 58 7.28 -1.08 -14.30
CA ILE B 58 7.27 -2.39 -13.66
C ILE B 58 7.21 -3.46 -14.73
N ASP B 59 8.00 -4.50 -14.58
CA ASP B 59 7.81 -5.69 -15.41
C ASP B 59 8.26 -6.97 -14.69
N GLU B 60 8.07 -8.11 -15.34
CA GLU B 60 8.50 -9.39 -14.78
C GLU B 60 9.42 -10.14 -15.74
N LEU B 61 9.59 -9.60 -16.95
CA LEU B 61 10.48 -10.23 -17.92
C LEU B 61 11.88 -10.33 -17.36
N PRO B 62 12.67 -11.33 -17.82
CA PRO B 62 14.08 -11.38 -17.45
C PRO B 62 14.78 -10.07 -17.77
N GLU B 63 15.81 -9.75 -17.00
CA GLU B 63 16.61 -8.52 -17.19
C GLU B 63 17.15 -8.39 -18.63
N ALA B 64 17.55 -9.52 -19.22
CA ALA B 64 18.07 -9.53 -20.60
C ALA B 64 17.12 -8.92 -21.59
N LEU B 65 15.83 -8.97 -21.27
CA LEU B 65 14.77 -8.43 -22.10
C LEU B 65 14.26 -7.05 -21.67
N SER B 66 14.02 -6.84 -20.38
CA SER B 66 13.45 -5.55 -19.97
C SER B 66 14.49 -4.41 -20.01
N THR B 67 15.78 -4.71 -19.81
CA THR B 67 16.77 -3.64 -19.88
C THR B 67 16.78 -2.96 -21.27
N PRO B 68 16.92 -3.74 -22.37
CA PRO B 68 16.83 -3.15 -23.71
C PRO B 68 15.45 -2.53 -23.97
N LEU B 69 14.37 -3.17 -23.50
CA LEU B 69 13.02 -2.58 -23.64
C LEU B 69 12.86 -1.20 -23.03
N ALA B 70 13.57 -0.92 -21.93
CA ALA B 70 13.43 0.35 -21.24
C ALA B 70 14.24 1.50 -21.88
N ALA B 71 14.99 1.19 -22.94
CA ALA B 71 15.79 2.20 -23.66
C ALA B 71 15.07 3.54 -23.94
N PRO B 72 13.83 3.52 -24.52
CA PRO B 72 13.19 4.80 -24.78
C PRO B 72 12.65 5.60 -23.58
N VAL B 73 12.72 5.05 -22.37
CA VAL B 73 12.26 5.76 -21.16
C VAL B 73 13.33 5.91 -20.07
N ASN B 74 14.47 5.27 -20.22
CA ASN B 74 15.43 5.28 -19.11
C ASN B 74 16.18 6.60 -18.89
N ASP B 75 15.96 7.59 -19.77
CA ASP B 75 16.50 8.93 -19.59
C ASP B 75 15.94 9.54 -18.27
N TRP B 76 14.72 9.15 -17.88
CA TRP B 76 14.02 9.87 -16.80
C TRP B 76 13.12 8.99 -15.94
N ILE B 78 12.18 5.79 -13.66
CA ILE B 78 12.76 4.83 -12.72
C ILE B 78 12.40 3.40 -13.12
N ALA B 79 13.36 2.47 -13.07
CA ALA B 79 13.04 1.05 -13.13
C ALA B 79 12.64 0.56 -11.72
N ALA B 80 11.40 0.15 -11.53
CA ALA B 80 10.98 -0.39 -10.20
C ALA B 80 11.76 -1.64 -9.81
N PRO B 81 12.21 -1.74 -8.54
CA PRO B 81 12.93 -2.96 -8.22
C PRO B 81 12.03 -4.20 -8.29
N ARG B 82 12.59 -5.32 -8.74
CA ARG B 82 11.87 -6.57 -8.88
C ARG B 82 11.54 -7.11 -7.49
N PRO B 83 10.28 -7.51 -7.26
CA PRO B 83 9.95 -8.08 -5.95
C PRO B 83 10.34 -9.54 -5.85
N THR B 84 10.49 -10.03 -4.62
CA THR B 84 10.64 -11.45 -4.40
C THR B 84 9.35 -12.20 -4.72
N ALA B 85 8.22 -11.67 -4.27
CA ALA B 85 6.92 -12.30 -4.50
C ALA B 85 6.28 -11.60 -5.71
N GLY B 86 6.04 -12.36 -6.76
CA GLY B 86 5.58 -11.82 -8.06
C GLY B 86 4.10 -11.57 -8.12
N TRP B 87 3.64 -11.06 -9.27
CA TRP B 87 2.23 -10.78 -9.47
C TRP B 87 1.39 -12.04 -9.23
N PRO B 88 0.16 -11.91 -8.73
CA PRO B 88 -0.60 -10.72 -8.40
C PRO B 88 -0.39 -10.16 -6.98
N GLN B 89 0.64 -10.61 -6.25
CA GLN B 89 1.00 -10.01 -4.96
C GLN B 89 1.25 -8.49 -5.11
N PRO B 90 0.83 -7.69 -4.10
CA PRO B 90 0.95 -6.22 -4.19
C PRO B 90 2.41 -5.69 -4.22
N ASP B 91 3.34 -6.55 -3.82
CA ASP B 91 4.77 -6.21 -3.66
C ASP B 91 5.39 -5.38 -4.81
N ALA B 92 5.19 -5.83 -6.05
CA ALA B 92 5.75 -5.12 -7.19
C ALA B 92 5.35 -3.63 -7.19
N CYS B 93 4.08 -3.35 -6.85
CA CYS B 93 3.60 -1.96 -6.85
C CYS B 93 4.07 -1.16 -5.64
N TRP B 94 4.01 -1.77 -4.46
CA TRP B 94 4.54 -1.10 -3.28
C TRP B 94 6.01 -0.81 -3.40
N ALA B 96 7.73 -0.31 -6.13
CA ALA B 96 7.87 0.77 -7.08
C ALA B 96 7.57 2.11 -6.43
N LEU B 97 6.50 2.18 -5.65
CA LEU B 97 6.20 3.44 -4.93
C LEU B 97 7.33 3.84 -3.97
N ALA B 99 10.50 3.08 -4.27
CA ALA B 99 11.59 3.52 -5.15
C ALA B 99 11.42 4.97 -5.57
N LEU B 100 10.17 5.45 -5.63
CA LEU B 100 9.86 6.85 -5.94
C LEU B 100 9.72 7.72 -4.70
N ASN B 101 10.00 7.15 -3.52
CA ASN B 101 9.92 7.88 -2.25
C ASN B 101 8.54 8.48 -2.03
N VAL B 102 7.50 7.79 -2.49
CA VAL B 102 6.13 8.24 -2.38
C VAL B 102 5.75 8.39 -0.90
N SER B 103 5.08 9.49 -0.56
CA SER B 103 4.73 9.71 0.85
C SER B 103 3.34 9.18 1.23
N GLN B 104 2.45 9.02 0.24
CA GLN B 104 1.10 8.48 0.48
C GLN B 104 0.63 7.61 -0.69
N LEU B 105 -0.04 6.50 -0.37
CA LEU B 105 -0.72 5.71 -1.39
C LEU B 105 -1.79 6.51 -2.13
N GLU B 106 -2.48 7.39 -1.40
CA GLU B 106 -3.63 8.09 -1.95
C GLU B 106 -3.27 8.80 -3.27
N GLY B 107 -4.05 8.48 -4.31
CA GLY B 107 -3.91 9.10 -5.63
C GLY B 107 -2.91 8.45 -6.56
N CYS B 108 -2.15 7.46 -6.08
CA CYS B 108 -1.22 6.74 -6.96
C CYS B 108 -1.97 5.87 -7.98
N VAL B 109 -1.43 5.79 -9.21
CA VAL B 109 -2.11 5.08 -10.30
C VAL B 109 -1.17 4.08 -10.97
N LEU B 110 -1.74 2.93 -11.38
CA LEU B 110 -1.00 1.96 -12.18
C LEU B 110 -1.68 1.88 -13.53
N ILE B 111 -0.89 1.98 -14.58
CA ILE B 111 -1.39 1.83 -15.94
C ILE B 111 -0.76 0.56 -16.52
N SER B 112 -1.59 -0.33 -17.08
CA SER B 112 -1.14 -1.62 -17.66
C SER B 112 -2.24 -2.19 -18.56
N GLY B 113 -1.87 -3.06 -19.50
CA GLY B 113 -2.85 -3.94 -20.13
C GLY B 113 -2.79 -5.40 -19.71
N ASP B 114 -1.99 -5.70 -18.69
CA ASP B 114 -1.76 -7.08 -18.26
C ASP B 114 -2.60 -7.40 -17.03
N PRO B 115 -3.51 -8.38 -17.14
CA PRO B 115 -4.44 -8.65 -16.03
C PRO B 115 -3.77 -8.98 -14.73
N ARG B 116 -2.60 -9.62 -14.81
CA ARG B 116 -1.85 -10.02 -13.61
C ARG B 116 -1.19 -8.85 -12.90
N LEU B 117 -0.60 -7.95 -13.67
CA LEU B 117 -0.06 -6.73 -13.10
C LEU B 117 -1.16 -5.79 -12.61
N LEU B 118 -2.22 -5.62 -13.39
CA LEU B 118 -3.38 -4.87 -12.92
C LEU B 118 -3.94 -5.42 -11.61
N GLN B 119 -4.02 -6.74 -11.50
CA GLN B 119 -4.43 -7.38 -10.24
C GLN B 119 -3.48 -7.03 -9.07
N SER B 120 -2.18 -7.01 -9.34
CA SER B 120 -1.21 -6.56 -8.33
C SER B 120 -1.56 -5.12 -7.88
N GLY B 121 -1.86 -4.24 -8.84
CA GLY B 121 -2.17 -2.85 -8.51
C GLY B 121 -3.44 -2.73 -7.69
N LEU B 122 -4.48 -3.48 -8.06
CA LEU B 122 -5.73 -3.50 -7.29
C LEU B 122 -5.45 -4.03 -5.88
N ASN B 123 -4.70 -5.12 -5.80
CA ASN B 123 -4.33 -5.70 -4.49
C ASN B 123 -3.52 -4.73 -3.63
N ALA B 124 -2.70 -3.92 -4.29
CA ALA B 124 -1.84 -2.96 -3.57
C ALA B 124 -2.62 -1.70 -3.15
N GLY B 125 -3.86 -1.58 -3.61
CA GLY B 125 -4.72 -0.48 -3.19
C GLY B 125 -4.69 0.72 -4.12
N LEU B 126 -4.11 0.55 -5.32
CA LEU B 126 -3.97 1.67 -6.27
C LEU B 126 -5.22 1.87 -7.15
N TRP B 127 -5.30 3.07 -7.72
CA TRP B 127 -6.14 3.32 -8.89
C TRP B 127 -5.50 2.57 -10.06
N THR B 128 -6.35 2.08 -10.96
CA THR B 128 -5.86 1.34 -12.15
C THR B 128 -6.46 1.85 -13.46
N ILE B 129 -5.62 1.92 -14.49
CA ILE B 129 -6.05 2.25 -15.84
C ILE B 129 -5.61 1.07 -16.70
N GLY B 130 -6.56 0.49 -17.42
CA GLY B 130 -6.31 -0.61 -18.33
C GLY B 130 -6.17 -0.12 -19.76
N LEU B 131 -5.38 -0.85 -20.55
CA LEU B 131 -5.11 -0.50 -21.93
C LEU B 131 -5.71 -1.53 -22.89
N ALA B 132 -6.56 -1.07 -23.82
CA ALA B 132 -7.41 -2.01 -24.59
C ALA B 132 -6.79 -2.56 -25.88
N SER B 133 -5.65 -2.02 -26.30
CA SER B 133 -5.10 -2.36 -27.63
C SER B 133 -3.78 -3.11 -27.57
N CYS B 134 -2.92 -2.71 -26.65
CA CYS B 134 -1.50 -3.08 -26.77
C CYS B 134 -1.05 -4.21 -25.84
N GLY B 135 -1.98 -4.75 -25.05
CA GLY B 135 -1.62 -5.70 -23.99
C GLY B 135 -1.77 -7.15 -24.41
N PRO B 136 -1.48 -8.10 -23.48
CA PRO B 136 -1.52 -9.54 -23.82
C PRO B 136 -2.89 -10.11 -24.19
N LEU B 137 -3.98 -9.48 -23.76
CA LEU B 137 -5.32 -9.96 -24.12
C LEU B 137 -5.59 -9.75 -25.61
N CYS B 138 -4.91 -8.77 -26.19
CA CYS B 138 -4.88 -8.63 -27.64
C CYS B 138 -3.71 -9.44 -28.23
N GLY B 139 -2.50 -9.21 -27.72
CA GLY B 139 -1.36 -10.05 -28.03
C GLY B 139 -0.94 -10.06 -29.49
N LEU B 140 -1.21 -8.97 -30.21
CA LEU B 140 -0.82 -8.90 -31.61
C LEU B 140 0.26 -7.85 -31.83
N SER B 141 1.26 -8.19 -32.65
CA SER B 141 2.30 -7.24 -33.00
C SER B 141 1.68 -6.07 -33.75
N PRO B 142 2.41 -4.94 -33.84
CA PRO B 142 1.93 -3.83 -34.67
C PRO B 142 1.51 -4.28 -36.08
N SER B 143 2.33 -5.11 -36.73
CA SER B 143 1.98 -5.55 -38.10
C SER B 143 0.70 -6.40 -38.12
N GLN B 144 0.54 -7.28 -37.13
CA GLN B 144 -0.65 -8.13 -37.03
C GLN B 144 -1.90 -7.30 -36.71
N TRP B 145 -1.76 -6.38 -35.76
CA TRP B 145 -2.83 -5.46 -35.39
C TRP B 145 -3.27 -4.62 -36.59
N GLN B 146 -2.29 -4.12 -37.34
CA GLN B 146 -2.58 -3.30 -38.51
C GLN B 146 -3.17 -4.09 -39.67
N ALA B 147 -2.88 -5.39 -39.75
CA ALA B 147 -3.43 -6.27 -40.81
C ALA B 147 -4.89 -6.65 -40.61
N LEU B 148 -5.41 -6.43 -39.40
CA LEU B 148 -6.84 -6.66 -39.14
C LEU B 148 -7.62 -5.61 -39.87
N ASN B 149 -8.95 -5.76 -39.94
CA ASN B 149 -9.78 -4.66 -40.40
C ASN B 149 -10.30 -3.86 -39.18
N ASN B 150 -10.95 -2.74 -39.43
CA ASN B 150 -11.44 -1.88 -38.34
C ASN B 150 -12.33 -2.66 -37.39
N ALA B 151 -13.28 -3.39 -37.96
CA ALA B 151 -14.22 -4.18 -37.17
C ALA B 151 -13.54 -5.16 -36.21
N GLU B 152 -12.46 -5.80 -36.69
CA GLU B 152 -11.71 -6.77 -35.91
C GLU B 152 -10.93 -6.08 -34.79
N ARG B 153 -10.37 -4.92 -35.10
CA ARG B 153 -9.71 -4.12 -34.03
C ARG B 153 -10.73 -3.67 -32.98
N GLU B 154 -11.90 -3.19 -33.41
CA GLU B 154 -12.97 -2.82 -32.47
C GLU B 154 -13.39 -4.01 -31.61
N GLN B 155 -13.60 -5.16 -32.24
CA GLN B 155 -14.01 -6.35 -31.49
C GLN B 155 -12.98 -6.70 -30.39
N ARG B 156 -11.70 -6.69 -30.75
CA ARG B 156 -10.64 -7.05 -29.79
C ARG B 156 -10.47 -6.05 -28.64
N ARG B 157 -10.60 -4.76 -28.94
CA ARG B 157 -10.61 -3.71 -27.92
C ARG B 157 -11.79 -3.89 -26.96
N ALA B 158 -12.98 -4.08 -27.52
CA ALA B 158 -14.17 -4.30 -26.70
C ALA B 158 -14.04 -5.54 -25.78
N GLN B 159 -13.48 -6.63 -26.32
CA GLN B 159 -13.28 -7.85 -25.51
C GLN B 159 -12.30 -7.62 -24.35
N ALA B 160 -11.14 -7.03 -24.67
CA ALA B 160 -10.13 -6.65 -23.66
C ALA B 160 -10.69 -5.69 -22.60
N THR B 161 -11.47 -4.71 -23.06
CA THR B 161 -12.10 -3.70 -22.18
C THR B 161 -13.04 -4.35 -21.16
N LEU B 162 -13.88 -5.27 -21.62
CA LEU B 162 -14.75 -5.96 -20.69
C LEU B 162 -14.02 -6.84 -19.64
N LYS B 163 -13.02 -7.59 -20.07
CA LYS B 163 -12.17 -8.37 -19.17
C LYS B 163 -11.46 -7.49 -18.14
N LEU B 164 -10.94 -6.35 -18.57
CA LEU B 164 -10.27 -5.48 -17.62
C LEU B 164 -11.26 -4.88 -16.62
N TYR B 165 -12.45 -4.47 -17.07
CA TYR B 165 -13.45 -3.97 -16.11
C TYR B 165 -13.90 -5.08 -15.14
N SER B 166 -13.98 -6.32 -15.66
CA SER B 166 -14.36 -7.46 -14.82
C SER B 166 -13.37 -7.69 -13.69
N LEU B 167 -12.09 -7.45 -13.94
CA LEU B 167 -11.05 -7.52 -12.89
C LEU B 167 -11.28 -6.53 -11.76
N GLY B 168 -11.93 -5.41 -12.08
CA GLY B 168 -12.16 -4.33 -11.15
C GLY B 168 -11.38 -3.07 -11.50
N VAL B 169 -10.79 -3.03 -12.69
CA VAL B 169 -10.03 -1.86 -13.15
C VAL B 169 -10.95 -0.63 -13.20
N HIS B 170 -10.38 0.55 -12.90
CA HIS B 170 -11.16 1.76 -12.69
C HIS B 170 -11.58 2.51 -13.97
N SER B 171 -10.70 2.49 -14.97
CA SER B 171 -10.97 3.11 -16.27
C SER B 171 -10.21 2.33 -17.32
N VAL B 172 -10.77 2.22 -18.52
CA VAL B 172 -10.09 1.61 -19.65
C VAL B 172 -10.05 2.58 -20.83
N ILE B 173 -8.86 2.67 -21.44
CA ILE B 173 -8.62 3.54 -22.59
C ILE B 173 -7.92 2.74 -23.71
N ASP B 174 -7.99 3.29 -24.92
CA ASP B 174 -7.53 2.56 -26.11
C ASP B 174 -6.00 2.59 -26.22
N HIS B 175 -5.39 3.67 -25.75
CA HIS B 175 -3.94 3.87 -25.90
C HIS B 175 -3.50 5.01 -25.00
N LEU B 176 -2.19 5.14 -24.82
CA LEU B 176 -1.62 6.19 -23.96
C LEU B 176 -1.90 7.65 -24.39
N GLY B 177 -2.28 7.86 -25.64
CA GLY B 177 -2.65 9.22 -26.07
C GLY B 177 -3.86 9.71 -25.28
N GLU B 178 -4.62 8.78 -24.73
CA GLU B 178 -5.81 9.10 -23.93
C GLU B 178 -5.54 9.21 -22.44
N LEU B 179 -4.27 9.06 -22.04
CA LEU B 179 -3.96 9.01 -20.62
C LEU B 179 -4.31 10.31 -19.88
N GLU B 180 -3.98 11.45 -20.50
CA GLU B 180 -4.18 12.74 -19.82
C GLU B 180 -5.64 12.97 -19.46
N SER B 181 -6.53 12.75 -20.42
CA SER B 181 -7.97 12.86 -20.22
C SER B 181 -8.49 11.82 -19.24
N CYS B 182 -7.92 10.62 -19.30
CA CYS B 182 -8.33 9.55 -18.39
C CYS B 182 -8.03 9.93 -16.93
N LEU B 183 -6.80 10.40 -16.71
CA LEU B 183 -6.37 10.89 -15.39
C LEU B 183 -7.22 12.05 -14.91
N ALA B 184 -7.55 12.99 -15.80
CA ALA B 184 -8.39 14.13 -15.41
C ALA B 184 -9.76 13.67 -14.92
N ASP B 185 -10.32 12.63 -15.57
CA ASP B 185 -11.63 12.13 -15.14
C ASP B 185 -11.53 11.36 -13.81
N ILE B 186 -10.44 10.64 -13.57
CA ILE B 186 -10.21 10.03 -12.25
C ILE B 186 -10.07 11.10 -11.16
N ALA B 187 -9.41 12.21 -11.48
CA ALA B 187 -9.26 13.29 -10.50
C ALA B 187 -10.63 13.84 -10.10
N LEU B 188 -11.53 14.00 -11.09
CA LEU B 188 -12.91 14.42 -10.87
C LEU B 188 -13.66 13.42 -10.01
N ARG B 189 -13.60 12.13 -10.35
CA ARG B 189 -14.15 11.07 -9.46
C ARG B 189 -13.63 11.17 -8.01
N ARG B 190 -12.33 11.37 -7.85
CA ARG B 190 -11.71 11.58 -6.53
C ARG B 190 -12.29 12.78 -5.80
N SER B 191 -12.54 13.86 -6.56
CA SER B 191 -13.08 15.09 -6.00
C SER B 191 -14.48 14.84 -5.45
N LYS B 192 -15.18 13.83 -5.98
CA LYS B 192 -16.52 13.43 -5.56
C LYS B 192 -16.50 12.35 -4.48
N GLY B 193 -15.32 12.10 -3.92
CA GLY B 193 -15.19 11.17 -2.80
C GLY B 193 -14.86 9.74 -3.16
N GLU B 194 -14.72 9.43 -4.45
CA GLU B 194 -14.41 8.04 -4.87
C GLU B 194 -12.98 7.64 -4.49
N LYS B 195 -12.84 6.43 -3.94
CA LYS B 195 -11.55 5.87 -3.62
C LYS B 195 -11.37 4.58 -4.40
N PRO B 196 -10.11 4.11 -4.56
CA PRO B 196 -9.88 2.87 -5.30
C PRO B 196 -10.67 1.69 -4.75
#